data_3IX9
#
_entry.id   3IX9
#
_cell.length_a   61.838
_cell.length_b   93.639
_cell.length_c   71.367
_cell.angle_alpha   90.00
_cell.angle_beta   90.00
_cell.angle_gamma   90.00
#
_symmetry.space_group_name_H-M   'P 21 21 2'
#
loop_
_entity.id
_entity.type
_entity.pdbx_description
1 polymer 'Dihydrofolate reductase'
2 non-polymer 'NADPH DIHYDRO-NICOTINAMIDE-ADENINE-DINUCLEOTIDE PHOSPHATE'
3 non-polymer METHOTREXATE
4 water water
#
_entity_poly.entity_id   1
_entity_poly.type   'polypeptide(L)'
_entity_poly.pdbx_seq_one_letter_code
;MKHHHHHHHHGGLVPRGSHGMTKKIVAIWAQDEEGVIGKDNRLPWYLPAELQHFKETTLNHAILMGRVTFDGMGRRLLPK
RETLILTRNPEEKIDGVATFHDVQSVLDWYSAQEKNLYIVGGKQIFQAFEPYLDEVIVTHIHARVEGDTYFPAEFDLSLF
ETVSSKFYTKDEKNPYDFTIQYRKRKEVLE
;
_entity_poly.pdbx_strand_id   A,B
#
loop_
_chem_comp.id
_chem_comp.type
_chem_comp.name
_chem_comp.formula
MTX non-polymer METHOTREXATE 'C20 H22 N8 O5'
NDP non-polymer 'NADPH DIHYDRO-NICOTINAMIDE-ADENINE-DINUCLEOTIDE PHOSPHATE' 'C21 H30 N7 O17 P3'
#
# COMPACT_ATOMS: atom_id res chain seq x y z
N THR A 22 17.76 29.21 -6.01
CA THR A 22 16.44 28.65 -6.38
C THR A 22 16.29 27.23 -5.80
N LYS A 23 17.33 26.40 -5.96
CA LYS A 23 17.33 25.04 -5.45
C LYS A 23 16.99 24.98 -3.96
N LYS A 24 16.20 24.02 -3.52
CA LYS A 24 15.94 23.97 -2.09
C LYS A 24 15.54 22.60 -1.58
N ILE A 25 15.51 22.49 -0.25
CA ILE A 25 15.13 21.23 0.37
C ILE A 25 13.67 21.39 0.76
N VAL A 26 12.83 20.51 0.23
CA VAL A 26 11.39 20.56 0.47
C VAL A 26 10.79 19.33 1.16
N ALA A 27 9.97 19.51 2.20
CA ALA A 27 9.31 18.35 2.79
C ALA A 27 7.91 18.31 2.23
N ILE A 28 7.48 17.12 1.83
CA ILE A 28 6.16 16.94 1.31
C ILE A 28 5.53 15.75 2.07
N TRP A 29 4.27 15.90 2.41
CA TRP A 29 3.56 14.85 3.13
C TRP A 29 2.07 15.08 3.13
N ALA A 30 1.35 14.04 3.50
CA ALA A 30 -0.10 14.13 3.59
C ALA A 30 -0.51 13.61 4.97
N GLN A 31 -1.45 14.30 5.61
CA GLN A 31 -1.92 13.91 6.95
C GLN A 31 -3.43 14.16 7.16
N ASP A 32 -4.06 13.41 8.07
CA ASP A 32 -5.46 13.60 8.32
C ASP A 32 -5.57 14.76 9.28
N GLU A 33 -6.79 15.03 9.73
CA GLU A 33 -7.12 16.13 10.64
C GLU A 33 -6.40 16.08 11.98
N GLU A 34 -5.96 14.90 12.39
CA GLU A 34 -5.25 14.73 13.67
C GLU A 34 -3.73 14.53 13.46
N GLY A 35 -3.24 14.73 12.24
CA GLY A 35 -1.83 14.55 12.00
C GLY A 35 -1.44 13.11 11.70
N VAL A 36 -2.41 12.22 11.48
CA VAL A 36 -2.08 10.83 11.16
C VAL A 36 -1.40 10.81 9.78
N ILE A 37 -0.31 10.05 9.67
CA ILE A 37 0.38 9.90 8.40
C ILE A 37 0.56 8.43 8.03
N GLY A 38 0.37 7.53 9.00
CA GLY A 38 0.57 6.11 8.73
C GLY A 38 -0.17 5.11 9.61
N LYS A 39 -0.24 3.87 9.15
CA LYS A 39 -0.91 2.79 9.85
C LYS A 39 -0.40 1.50 9.23
N ASP A 40 0.14 0.63 10.08
CA ASP A 40 0.68 -0.66 9.64
C ASP A 40 1.61 -0.46 8.46
N ASN A 41 2.52 0.50 8.58
CA ASN A 41 3.48 0.80 7.52
C ASN A 41 2.91 1.17 6.14
N ARG A 42 1.73 1.77 6.10
CA ARG A 42 1.15 2.22 4.85
C ARG A 42 0.40 3.52 5.20
N LEU A 43 -0.25 4.13 4.18
CA LEU A 43 -1.02 5.35 4.41
C LEU A 43 -2.47 4.90 4.54
N PRO A 44 -3.13 5.32 5.64
CA PRO A 44 -4.51 4.93 5.89
C PRO A 44 -5.59 5.62 5.03
N TRP A 45 -5.39 5.60 3.71
CA TRP A 45 -6.34 6.16 2.81
C TRP A 45 -5.86 5.88 1.38
N TYR A 46 -6.67 6.20 0.39
CA TYR A 46 -6.22 6.02 -0.98
C TYR A 46 -6.86 7.13 -1.81
N LEU A 47 -6.04 8.05 -2.29
CA LEU A 47 -6.50 9.19 -3.06
C LEU A 47 -5.61 9.37 -4.29
N PRO A 48 -6.03 8.79 -5.42
CA PRO A 48 -5.25 8.92 -6.64
C PRO A 48 -4.90 10.34 -7.00
N ALA A 49 -5.81 11.29 -6.76
CA ALA A 49 -5.50 12.67 -7.08
C ALA A 49 -4.39 13.22 -6.21
N GLU A 50 -4.26 12.71 -4.99
CA GLU A 50 -3.22 13.19 -4.10
C GLU A 50 -1.89 12.56 -4.52
N LEU A 51 -1.95 11.32 -5.00
CA LEU A 51 -0.76 10.63 -5.45
C LEU A 51 -0.30 11.27 -6.75
N GLN A 52 -1.23 11.77 -7.56
CA GLN A 52 -0.88 12.42 -8.83
C GLN A 52 -0.14 13.73 -8.48
N HIS A 53 -0.64 14.41 -7.45
CA HIS A 53 -0.04 15.64 -6.92
C HIS A 53 1.40 15.34 -6.50
N PHE A 54 1.59 14.24 -5.77
CA PHE A 54 2.92 13.86 -5.31
C PHE A 54 3.88 13.69 -6.47
N LYS A 55 3.42 13.03 -7.51
CA LYS A 55 4.23 12.78 -8.70
C LYS A 55 4.56 14.08 -9.41
N GLU A 56 3.58 14.96 -9.59
CA GLU A 56 3.85 16.22 -10.27
C GLU A 56 4.93 17.03 -9.55
N THR A 57 4.83 17.07 -8.22
CA THR A 57 5.76 17.81 -7.38
C THR A 57 7.20 17.31 -7.41
N THR A 58 7.38 15.99 -7.33
CA THR A 58 8.72 15.42 -7.27
C THR A 58 9.29 14.96 -8.59
N LEU A 59 8.46 14.87 -9.63
CA LEU A 59 8.95 14.41 -10.95
C LEU A 59 10.29 15.09 -11.38
N ASN A 60 11.21 14.31 -11.94
CA ASN A 60 12.50 14.81 -12.40
C ASN A 60 13.42 15.37 -11.29
N HIS A 61 13.13 15.03 -10.05
CA HIS A 61 13.98 15.50 -8.97
C HIS A 61 14.39 14.32 -8.13
N ALA A 62 15.04 14.59 -7.02
CA ALA A 62 15.45 13.53 -6.13
C ALA A 62 14.49 13.45 -4.94
N ILE A 63 14.30 12.25 -4.42
CA ILE A 63 13.43 12.05 -3.27
C ILE A 63 14.18 11.21 -2.24
N LEU A 64 14.06 11.61 -0.98
CA LEU A 64 14.71 10.89 0.09
C LEU A 64 13.66 10.29 1.00
N MET A 65 13.69 8.97 1.19
CA MET A 65 12.76 8.27 2.08
C MET A 65 13.51 7.33 3.01
N GLY A 66 12.96 7.09 4.20
CA GLY A 66 13.62 6.17 5.11
C GLY A 66 13.45 4.76 4.57
N ARG A 67 14.38 3.87 4.96
CA ARG A 67 14.36 2.47 4.53
C ARG A 67 13.02 1.81 4.83
N VAL A 68 12.40 2.16 5.97
CA VAL A 68 11.11 1.58 6.35
C VAL A 68 10.05 1.83 5.29
N THR A 69 9.93 3.09 4.90
CA THR A 69 8.95 3.47 3.90
C THR A 69 9.28 2.81 2.56
N PHE A 70 10.56 2.78 2.21
CA PHE A 70 11.00 2.16 0.95
C PHE A 70 10.48 0.71 0.91
N ASP A 71 10.66 -0.01 2.03
CA ASP A 71 10.20 -1.39 2.16
C ASP A 71 8.69 -1.42 2.10
N GLY A 72 8.06 -0.43 2.75
CA GLY A 72 6.61 -0.31 2.82
C GLY A 72 5.93 -0.21 1.46
N MET A 73 6.64 0.31 0.47
CA MET A 73 6.04 0.42 -0.84
C MET A 73 6.59 -0.62 -1.81
N GLY A 74 7.08 -1.73 -1.25
CA GLY A 74 7.61 -2.83 -2.05
C GLY A 74 8.87 -2.53 -2.83
N ARG A 75 9.67 -1.59 -2.34
CA ARG A 75 10.92 -1.21 -2.99
C ARG A 75 10.66 -0.79 -4.45
N ARG A 76 9.41 -0.39 -4.70
CA ARG A 76 8.96 0.08 -6.00
C ARG A 76 9.69 1.37 -6.35
N LEU A 77 10.50 1.34 -7.41
CA LEU A 77 11.24 2.53 -7.82
C LEU A 77 10.35 3.40 -8.71
N LEU A 78 10.06 4.62 -8.27
CA LEU A 78 9.21 5.51 -9.05
C LEU A 78 9.92 6.01 -10.30
N PRO A 79 9.18 6.19 -11.40
CA PRO A 79 9.78 6.67 -12.66
C PRO A 79 10.16 8.15 -12.68
N LYS A 80 11.19 8.48 -13.46
CA LYS A 80 11.59 9.86 -13.61
C LYS A 80 11.80 10.53 -12.25
N ARG A 81 12.49 9.81 -11.37
CA ARG A 81 12.75 10.26 -10.03
C ARG A 81 14.08 9.67 -9.61
N GLU A 82 14.88 10.42 -8.88
CA GLU A 82 16.14 9.86 -8.40
C GLU A 82 15.84 9.46 -6.95
N THR A 83 15.86 8.17 -6.63
CA THR A 83 15.54 7.75 -5.27
C THR A 83 16.77 7.61 -4.36
N LEU A 84 16.67 8.23 -3.18
CA LEU A 84 17.72 8.21 -2.18
C LEU A 84 17.16 7.52 -0.93
N ILE A 85 17.91 6.57 -0.40
CA ILE A 85 17.42 5.86 0.78
C ILE A 85 18.33 6.12 1.97
N LEU A 86 17.75 6.44 3.12
CA LEU A 86 18.50 6.67 4.35
C LEU A 86 18.34 5.44 5.26
N THR A 87 19.46 4.87 5.70
CA THR A 87 19.46 3.68 6.55
C THR A 87 20.77 3.56 7.32
N ARG A 88 20.75 2.80 8.41
CA ARG A 88 21.95 2.55 9.22
C ARG A 88 22.52 1.20 8.81
N ASN A 89 21.82 0.50 7.91
CA ASN A 89 22.27 -0.79 7.43
C ASN A 89 23.59 -0.60 6.70
N PRO A 90 24.66 -1.26 7.15
CA PRO A 90 26.02 -1.20 6.58
C PRO A 90 26.07 -1.30 5.06
N GLU A 91 25.10 -1.98 4.47
CA GLU A 91 25.03 -2.12 3.01
C GLU A 91 25.43 -0.82 2.31
N GLU A 92 26.38 -0.93 1.38
CA GLU A 92 26.87 0.23 0.60
C GLU A 92 25.90 0.65 -0.48
N LYS A 93 24.99 -0.24 -0.85
CA LYS A 93 24.01 0.06 -1.88
C LYS A 93 22.79 -0.82 -1.75
N ILE A 94 21.75 -0.51 -2.51
CA ILE A 94 20.50 -1.27 -2.49
C ILE A 94 20.04 -1.63 -3.91
N ASP A 95 19.10 -0.87 -4.44
CA ASP A 95 18.59 -1.13 -5.78
C ASP A 95 19.18 -0.10 -6.73
N GLY A 96 18.32 0.39 -7.62
CA GLY A 96 18.71 1.43 -8.56
C GLY A 96 18.52 2.71 -7.77
N VAL A 97 19.04 2.71 -6.55
CA VAL A 97 18.93 3.86 -5.66
C VAL A 97 20.28 4.15 -5.00
N ALA A 98 20.42 5.36 -4.44
CA ALA A 98 21.65 5.73 -3.74
C ALA A 98 21.42 5.50 -2.24
N THR A 99 22.40 4.93 -1.55
CA THR A 99 22.27 4.66 -0.13
C THR A 99 23.06 5.67 0.69
N PHE A 100 22.45 6.18 1.77
CA PHE A 100 23.07 7.17 2.65
C PHE A 100 22.96 6.67 4.08
N HIS A 101 23.98 6.93 4.89
CA HIS A 101 23.96 6.42 6.25
C HIS A 101 23.75 7.38 7.40
N ASP A 102 23.59 8.66 7.07
CA ASP A 102 23.29 9.69 8.07
C ASP A 102 22.78 10.93 7.37
N VAL A 103 22.20 11.84 8.15
CA VAL A 103 21.63 13.08 7.65
C VAL A 103 22.65 13.92 6.90
N GLN A 104 23.78 14.22 7.53
CA GLN A 104 24.83 15.03 6.89
C GLN A 104 25.23 14.53 5.50
N SER A 105 25.26 13.21 5.32
CA SER A 105 25.66 12.64 4.03
C SER A 105 24.70 13.11 2.94
N VAL A 106 23.41 13.11 3.26
CA VAL A 106 22.38 13.52 2.30
C VAL A 106 22.54 14.99 1.97
N LEU A 107 22.70 15.83 3.00
CA LEU A 107 22.85 17.27 2.81
C LEU A 107 24.05 17.59 1.91
N ASP A 108 25.15 16.85 2.10
CA ASP A 108 26.36 17.05 1.30
C ASP A 108 26.11 16.68 -0.16
N TRP A 109 25.43 15.55 -0.37
CA TRP A 109 25.09 15.10 -1.70
C TRP A 109 24.25 16.22 -2.32
N TYR A 110 23.25 16.69 -1.58
CA TYR A 110 22.36 17.77 -2.03
C TYR A 110 23.13 19.02 -2.44
N SER A 111 24.14 19.37 -1.65
CA SER A 111 24.93 20.56 -1.93
C SER A 111 25.74 20.46 -3.22
N ALA A 112 26.15 19.24 -3.57
CA ALA A 112 26.98 18.97 -4.74
C ALA A 112 26.22 18.84 -6.06
N GLN A 113 24.92 19.08 -6.02
CA GLN A 113 24.11 19.01 -7.22
C GLN A 113 23.13 20.18 -7.27
N GLU A 114 22.36 20.25 -8.35
CA GLU A 114 21.45 21.37 -8.55
C GLU A 114 19.96 21.11 -8.48
N LYS A 115 19.56 19.86 -8.32
CA LYS A 115 18.13 19.57 -8.25
C LYS A 115 17.56 19.78 -6.85
N ASN A 116 16.27 20.06 -6.78
CA ASN A 116 15.59 20.23 -5.50
C ASN A 116 15.58 18.87 -4.83
N LEU A 117 15.62 18.86 -3.51
CA LEU A 117 15.55 17.58 -2.79
C LEU A 117 14.24 17.48 -2.02
N TYR A 118 13.47 16.44 -2.30
CA TYR A 118 12.19 16.25 -1.61
C TYR A 118 12.30 15.18 -0.53
N ILE A 119 12.02 15.56 0.71
CA ILE A 119 12.02 14.63 1.84
C ILE A 119 10.59 14.09 1.77
N VAL A 120 10.44 12.80 1.46
CA VAL A 120 9.10 12.28 1.23
C VAL A 120 8.51 11.36 2.25
N GLY A 121 9.24 11.03 3.28
CA GLY A 121 8.52 10.16 4.14
C GLY A 121 9.24 9.35 5.14
N GLY A 122 8.40 8.93 6.06
CA GLY A 122 8.78 8.17 7.19
C GLY A 122 8.83 9.26 8.25
N LYS A 123 8.12 9.07 9.36
CA LYS A 123 8.12 10.02 10.47
C LYS A 123 9.56 10.37 10.91
N GLN A 124 10.42 9.36 11.05
CA GLN A 124 11.82 9.58 11.46
C GLN A 124 12.59 10.44 10.44
N ILE A 125 12.35 10.22 9.15
CA ILE A 125 13.05 10.98 8.13
C ILE A 125 12.59 12.44 8.10
N PHE A 126 11.30 12.64 8.30
CA PHE A 126 10.73 13.99 8.33
C PHE A 126 11.37 14.72 9.50
N GLN A 127 11.39 14.07 10.66
CA GLN A 127 11.94 14.69 11.84
C GLN A 127 13.41 15.06 11.65
N ALA A 128 14.17 14.15 11.05
CA ALA A 128 15.59 14.37 10.81
C ALA A 128 15.91 15.55 9.91
N PHE A 129 15.09 15.82 8.91
CA PHE A 129 15.40 16.93 8.00
C PHE A 129 14.67 18.24 8.28
N GLU A 130 13.83 18.27 9.30
CA GLU A 130 13.09 19.50 9.57
C GLU A 130 13.92 20.78 9.75
N PRO A 131 15.09 20.66 10.38
CA PRO A 131 15.91 21.85 10.57
C PRO A 131 16.52 22.43 9.30
N TYR A 132 16.49 21.68 8.20
CA TYR A 132 17.11 22.13 6.95
C TYR A 132 16.11 22.42 5.85
N LEU A 133 14.83 22.34 6.20
CA LEU A 133 13.80 22.57 5.20
C LEU A 133 13.65 24.02 4.74
N ASP A 134 13.52 24.22 3.44
CA ASP A 134 13.31 25.57 2.85
C ASP A 134 11.80 25.77 2.63
N GLU A 135 11.10 24.67 2.42
CA GLU A 135 9.67 24.74 2.17
C GLU A 135 8.97 23.44 2.53
N VAL A 136 7.66 23.55 2.80
CA VAL A 136 6.87 22.36 3.07
C VAL A 136 5.65 22.42 2.13
N ILE A 137 5.24 21.25 1.65
CA ILE A 137 4.06 21.13 0.81
C ILE A 137 3.25 20.06 1.53
N VAL A 138 2.26 20.52 2.30
CA VAL A 138 1.43 19.66 3.14
C VAL A 138 0.00 19.47 2.64
N THR A 139 -0.43 18.22 2.49
CA THR A 139 -1.80 17.98 2.05
C THR A 139 -2.59 17.72 3.33
N HIS A 140 -3.66 18.48 3.51
CA HIS A 140 -4.52 18.36 4.69
C HIS A 140 -5.78 17.58 4.29
N ILE A 141 -5.82 16.28 4.60
CA ILE A 141 -6.98 15.44 4.24
C ILE A 141 -8.04 15.70 5.26
N HIS A 142 -9.19 16.20 4.79
CA HIS A 142 -10.27 16.53 5.72
C HIS A 142 -11.06 15.33 6.13
N ALA A 143 -10.45 14.52 7.01
CA ALA A 143 -11.08 13.31 7.52
C ALA A 143 -10.35 12.82 8.76
N ARG A 144 -10.97 11.91 9.52
CA ARG A 144 -10.27 11.32 10.66
C ARG A 144 -10.22 9.81 10.47
N VAL A 145 -9.01 9.27 10.38
CA VAL A 145 -8.80 7.84 10.19
C VAL A 145 -7.91 7.32 11.32
N GLU A 146 -7.79 6.00 11.42
CA GLU A 146 -6.96 5.43 12.46
C GLU A 146 -5.49 5.28 12.02
N GLY A 147 -4.61 5.91 12.78
CA GLY A 147 -3.18 5.88 12.50
C GLY A 147 -2.36 5.46 13.71
N ASP A 148 -1.14 4.96 13.49
CA ASP A 148 -0.25 4.55 14.57
C ASP A 148 1.04 5.37 14.44
N THR A 149 1.05 6.25 13.41
CA THR A 149 2.19 7.12 13.13
C THR A 149 1.67 8.53 12.81
N TYR A 150 2.21 9.51 13.53
CA TYR A 150 1.82 10.91 13.39
C TYR A 150 2.98 11.76 12.89
N PHE A 151 2.65 12.83 12.18
CA PHE A 151 3.71 13.69 11.68
C PHE A 151 4.43 14.29 12.89
N PRO A 152 5.78 14.25 12.89
CA PRO A 152 6.57 14.82 14.00
C PRO A 152 6.54 16.32 13.86
N ALA A 153 5.59 16.95 14.55
CA ALA A 153 5.42 18.39 14.47
C ALA A 153 6.26 19.13 15.51
N GLU A 154 7.57 19.22 15.25
CA GLU A 154 8.50 19.91 16.13
C GLU A 154 9.01 21.14 15.38
N PHE A 155 8.13 21.68 14.54
CA PHE A 155 8.43 22.83 13.73
C PHE A 155 7.93 24.09 14.38
N ASP A 156 8.74 25.15 14.36
CA ASP A 156 8.27 26.42 14.88
C ASP A 156 7.51 26.98 13.68
N LEU A 157 6.23 26.65 13.56
CA LEU A 157 5.38 27.10 12.46
C LEU A 157 5.60 28.58 12.15
N SER A 158 5.81 29.37 13.20
CA SER A 158 6.06 30.80 13.04
C SER A 158 7.20 31.10 12.05
N LEU A 159 8.04 30.10 11.80
CA LEU A 159 9.19 30.24 10.88
C LEU A 159 8.82 30.19 9.40
N PHE A 160 7.63 29.65 9.11
CA PHE A 160 7.13 29.52 7.75
C PHE A 160 5.92 30.39 7.44
N GLU A 161 5.74 30.71 6.17
CA GLU A 161 4.60 31.51 5.75
C GLU A 161 3.88 30.75 4.63
N THR A 162 2.56 30.66 4.74
CA THR A 162 1.78 29.96 3.72
C THR A 162 1.67 30.85 2.49
N VAL A 163 2.26 30.41 1.39
CA VAL A 163 2.23 31.19 0.17
C VAL A 163 0.89 30.98 -0.52
N SER A 164 0.35 29.78 -0.34
CA SER A 164 -0.93 29.44 -0.95
C SER A 164 -1.39 28.02 -0.65
N SER A 165 -2.68 27.77 -0.86
CA SER A 165 -3.23 26.45 -0.66
C SER A 165 -4.46 26.35 -1.57
N LYS A 166 -4.66 25.17 -2.16
CA LYS A 166 -5.79 24.91 -3.04
C LYS A 166 -6.60 23.74 -2.55
N PHE A 167 -7.89 23.78 -2.83
CA PHE A 167 -8.82 22.75 -2.40
C PHE A 167 -9.18 21.75 -3.51
N TYR A 168 -9.34 20.48 -3.12
CA TYR A 168 -9.71 19.44 -4.07
C TYR A 168 -10.97 18.77 -3.53
N THR A 169 -12.10 19.02 -4.17
CA THR A 169 -13.36 18.46 -3.71
C THR A 169 -13.43 16.94 -3.95
N LYS A 170 -14.02 16.22 -3.00
CA LYS A 170 -14.11 14.78 -3.11
C LYS A 170 -15.00 14.30 -4.25
N ASP A 171 -14.68 13.13 -4.76
CA ASP A 171 -15.45 12.49 -5.81
C ASP A 171 -15.37 10.98 -5.59
N GLU A 172 -15.95 10.24 -6.53
CA GLU A 172 -16.00 8.79 -6.48
C GLU A 172 -14.65 8.16 -6.15
N LYS A 173 -13.61 8.51 -6.91
CA LYS A 173 -12.30 7.92 -6.68
C LYS A 173 -11.45 8.51 -5.55
N ASN A 174 -11.84 9.70 -5.07
CA ASN A 174 -11.12 10.38 -3.99
C ASN A 174 -12.17 10.80 -2.96
N PRO A 175 -12.62 9.85 -2.13
CA PRO A 175 -13.64 9.98 -1.08
C PRO A 175 -13.48 11.05 0.01
N TYR A 176 -12.33 11.69 0.09
CA TYR A 176 -12.12 12.73 1.10
C TYR A 176 -11.70 14.06 0.47
N ASP A 177 -12.22 15.18 0.97
CA ASP A 177 -11.78 16.48 0.45
C ASP A 177 -10.37 16.66 1.04
N PHE A 178 -9.52 17.40 0.34
CA PHE A 178 -8.20 17.69 0.86
C PHE A 178 -7.68 19.02 0.32
N THR A 179 -6.82 19.68 1.11
CA THR A 179 -6.25 20.96 0.74
C THR A 179 -4.74 20.81 0.70
N ILE A 180 -4.10 21.35 -0.34
CA ILE A 180 -2.65 21.27 -0.46
C ILE A 180 -2.11 22.66 -0.16
N GLN A 181 -1.31 22.76 0.90
CA GLN A 181 -0.75 24.05 1.31
C GLN A 181 0.73 24.14 1.09
N TYR A 182 1.15 25.22 0.42
CA TYR A 182 2.56 25.51 0.15
C TYR A 182 3.05 26.57 1.15
N ARG A 183 4.07 26.21 1.93
CA ARG A 183 4.63 27.13 2.91
C ARG A 183 6.15 27.28 2.77
N LYS A 184 6.62 28.53 2.76
CA LYS A 184 8.06 28.80 2.63
C LYS A 184 8.63 29.37 3.93
N ARG A 185 9.92 29.15 4.16
CA ARG A 185 10.59 29.66 5.35
C ARG A 185 10.76 31.17 5.16
N LYS A 186 10.23 31.96 6.08
CA LYS A 186 10.30 33.42 5.98
C LYS A 186 11.65 33.99 6.41
N GLU A 187 11.69 35.32 6.55
CA GLU A 187 12.89 36.03 6.95
C GLU A 187 14.06 35.62 6.07
N THR B 22 -14.06 -31.17 6.03
CA THR B 22 -13.81 -29.88 6.74
C THR B 22 -12.77 -28.99 6.04
N LYS B 23 -11.67 -29.60 5.59
CA LYS B 23 -10.60 -28.86 4.92
C LYS B 23 -11.00 -28.43 3.52
N LYS B 24 -10.63 -27.21 3.14
CA LYS B 24 -10.94 -26.74 1.81
C LYS B 24 -10.03 -25.65 1.29
N ILE B 25 -10.05 -25.45 -0.02
CA ILE B 25 -9.24 -24.40 -0.63
C ILE B 25 -10.26 -23.35 -0.98
N VAL B 26 -10.06 -22.15 -0.46
CA VAL B 26 -10.98 -21.06 -0.66
C VAL B 26 -10.32 -19.86 -1.29
N ALA B 27 -10.92 -19.31 -2.33
CA ALA B 27 -10.35 -18.09 -2.93
C ALA B 27 -11.10 -16.92 -2.29
N ILE B 28 -10.38 -15.86 -1.99
CA ILE B 28 -10.99 -14.71 -1.37
C ILE B 28 -10.42 -13.45 -2.00
N TRP B 29 -11.30 -12.53 -2.39
CA TRP B 29 -10.82 -11.31 -3.00
C TRP B 29 -11.84 -10.22 -2.85
N ALA B 30 -11.45 -9.00 -3.17
CA ALA B 30 -12.38 -7.87 -3.14
C ALA B 30 -12.27 -7.21 -4.51
N GLN B 31 -13.39 -6.73 -5.04
CA GLN B 31 -13.39 -6.08 -6.35
C GLN B 31 -14.38 -4.95 -6.43
N ASP B 32 -14.13 -3.98 -7.30
CA ASP B 32 -15.09 -2.89 -7.46
C ASP B 32 -16.24 -3.36 -8.38
N GLU B 33 -17.14 -2.45 -8.72
CA GLU B 33 -18.31 -2.79 -9.54
C GLU B 33 -17.98 -3.39 -10.91
N GLU B 34 -16.81 -3.04 -11.43
CA GLU B 34 -16.40 -3.54 -12.75
C GLU B 34 -15.38 -4.68 -12.73
N GLY B 35 -15.06 -5.18 -11.54
CA GLY B 35 -14.09 -6.27 -11.46
C GLY B 35 -12.67 -5.81 -11.17
N VAL B 36 -12.48 -4.53 -10.83
CA VAL B 36 -11.13 -4.04 -10.56
C VAL B 36 -10.64 -4.60 -9.25
N ILE B 37 -9.41 -5.14 -9.25
CA ILE B 37 -8.84 -5.65 -8.02
C ILE B 37 -7.49 -5.03 -7.69
N GLY B 38 -6.84 -4.40 -8.67
CA GLY B 38 -5.54 -3.79 -8.41
C GLY B 38 -5.09 -2.62 -9.27
N LYS B 39 -4.12 -1.89 -8.76
CA LYS B 39 -3.54 -0.73 -9.47
C LYS B 39 -2.14 -0.52 -8.89
N ASP B 40 -1.15 -0.41 -9.77
CA ASP B 40 0.23 -0.21 -9.34
C ASP B 40 0.67 -1.16 -8.22
N ASN B 41 0.38 -2.45 -8.40
CA ASN B 41 0.76 -3.46 -7.41
C ASN B 41 0.17 -3.27 -6.02
N ARG B 42 -0.97 -2.58 -5.94
CA ARG B 42 -1.64 -2.38 -4.66
C ARG B 42 -3.14 -2.34 -4.95
N LEU B 43 -3.97 -2.13 -3.91
CA LEU B 43 -5.41 -2.06 -4.12
C LEU B 43 -5.83 -0.61 -4.23
N PRO B 44 -6.67 -0.29 -5.24
CA PRO B 44 -7.15 1.06 -5.50
C PRO B 44 -8.25 1.54 -4.52
N TRP B 45 -8.08 1.26 -3.24
CA TRP B 45 -9.03 1.71 -2.25
C TRP B 45 -8.44 1.40 -0.89
N TYR B 46 -9.11 1.81 0.18
CA TYR B 46 -8.63 1.47 1.52
C TYR B 46 -9.85 1.37 2.42
N LEU B 47 -10.16 0.16 2.85
CA LEU B 47 -11.33 -0.08 3.70
C LEU B 47 -10.92 -0.98 4.86
N PRO B 48 -10.49 -0.38 5.98
CA PRO B 48 -10.07 -1.16 7.16
C PRO B 48 -11.07 -2.22 7.54
N ALA B 49 -12.36 -1.90 7.46
CA ALA B 49 -13.38 -2.87 7.82
C ALA B 49 -13.32 -4.10 6.92
N GLU B 50 -12.99 -3.92 5.64
CA GLU B 50 -12.90 -5.06 4.74
C GLU B 50 -11.64 -5.88 5.09
N LEU B 51 -10.57 -5.18 5.48
CA LEU B 51 -9.32 -5.86 5.84
C LEU B 51 -9.59 -6.65 7.12
N GLN B 52 -10.45 -6.12 7.99
CA GLN B 52 -10.79 -6.78 9.25
C GLN B 52 -11.48 -8.11 8.93
N HIS B 53 -12.33 -8.08 7.91
CA HIS B 53 -13.05 -9.28 7.49
C HIS B 53 -12.05 -10.31 6.96
N PHE B 54 -11.06 -9.83 6.22
CA PHE B 54 -10.00 -10.66 5.67
C PHE B 54 -9.25 -11.32 6.84
N LYS B 55 -8.85 -10.52 7.81
CA LYS B 55 -8.15 -11.04 8.97
C LYS B 55 -8.94 -12.15 9.69
N GLU B 56 -10.20 -11.89 10.01
CA GLU B 56 -11.00 -12.87 10.73
C GLU B 56 -11.19 -14.17 9.95
N THR B 57 -11.32 -14.07 8.63
CA THR B 57 -11.51 -15.26 7.81
C THR B 57 -10.25 -16.13 7.74
N THR B 58 -9.09 -15.50 7.52
CA THR B 58 -7.84 -16.22 7.37
C THR B 58 -7.07 -16.52 8.66
N LEU B 59 -7.42 -15.86 9.75
CA LEU B 59 -6.72 -16.07 11.03
C LEU B 59 -6.51 -17.56 11.39
N ASN B 60 -5.29 -17.89 11.83
CA ASN B 60 -4.94 -19.27 12.19
C ASN B 60 -5.03 -20.27 11.03
N HIS B 61 -4.87 -19.78 9.80
CA HIS B 61 -4.93 -20.64 8.62
C HIS B 61 -3.77 -20.28 7.71
N ALA B 62 -3.73 -20.90 6.54
CA ALA B 62 -2.66 -20.62 5.57
C ALA B 62 -3.20 -19.74 4.44
N ILE B 63 -2.36 -18.88 3.87
CA ILE B 63 -2.76 -18.04 2.76
C ILE B 63 -1.68 -18.15 1.70
N LEU B 64 -2.11 -18.23 0.44
CA LEU B 64 -1.19 -18.32 -0.69
C LEU B 64 -1.39 -17.10 -1.56
N MET B 65 -0.33 -16.29 -1.73
CA MET B 65 -0.42 -15.10 -2.56
C MET B 65 0.77 -15.09 -3.53
N GLY B 66 0.61 -14.40 -4.66
CA GLY B 66 1.68 -14.33 -5.63
C GLY B 66 2.79 -13.46 -5.10
N ARG B 67 4.01 -13.66 -5.60
CA ARG B 67 5.17 -12.90 -5.15
C ARG B 67 4.93 -11.39 -5.37
N VAL B 68 4.28 -11.02 -6.48
CA VAL B 68 4.01 -9.61 -6.75
C VAL B 68 3.13 -8.95 -5.68
N THR B 69 2.06 -9.62 -5.31
CA THR B 69 1.16 -9.10 -4.29
C THR B 69 1.89 -8.96 -2.93
N PHE B 70 2.75 -9.92 -2.60
CA PHE B 70 3.53 -9.90 -1.36
C PHE B 70 4.41 -8.66 -1.32
N ASP B 71 5.15 -8.42 -2.39
CA ASP B 71 6.00 -7.24 -2.47
C ASP B 71 5.12 -6.00 -2.44
N GLY B 72 3.95 -6.11 -3.09
CA GLY B 72 2.99 -5.02 -3.16
C GLY B 72 2.56 -4.52 -1.78
N MET B 73 2.44 -5.43 -0.82
CA MET B 73 2.08 -5.07 0.55
C MET B 73 3.31 -4.88 1.46
N GLY B 74 4.42 -4.50 0.86
CA GLY B 74 5.64 -4.24 1.61
C GLY B 74 6.22 -5.43 2.32
N ARG B 75 5.97 -6.61 1.77
CA ARG B 75 6.46 -7.84 2.36
C ARG B 75 6.11 -7.97 3.84
N ARG B 76 4.94 -7.48 4.22
CA ARG B 76 4.47 -7.57 5.60
C ARG B 76 3.97 -8.96 5.92
N LEU B 77 4.38 -9.50 7.06
CA LEU B 77 3.94 -10.83 7.46
C LEU B 77 2.72 -10.70 8.37
N LEU B 78 1.56 -11.14 7.91
CA LEU B 78 0.33 -11.07 8.71
C LEU B 78 0.41 -12.03 9.92
N PRO B 79 0.23 -11.49 11.13
CA PRO B 79 0.30 -12.33 12.33
C PRO B 79 -0.75 -13.45 12.38
N LYS B 80 -0.32 -14.61 12.87
CA LYS B 80 -1.22 -15.76 13.00
C LYS B 80 -1.71 -16.32 11.67
N ARG B 81 -0.96 -16.01 10.61
CA ARG B 81 -1.24 -16.49 9.25
C ARG B 81 -0.01 -17.26 8.76
N GLU B 82 -0.24 -18.44 8.19
CA GLU B 82 0.86 -19.24 7.65
C GLU B 82 0.98 -18.74 6.22
N THR B 83 1.96 -17.86 5.95
CA THR B 83 2.12 -17.26 4.63
C THR B 83 2.92 -18.10 3.62
N LEU B 84 2.29 -18.37 2.48
CA LEU B 84 2.90 -19.16 1.42
C LEU B 84 3.04 -18.29 0.20
N ILE B 85 4.24 -18.21 -0.36
CA ILE B 85 4.43 -17.36 -1.53
C ILE B 85 4.66 -18.18 -2.79
N LEU B 86 3.96 -17.83 -3.88
CA LEU B 86 4.16 -18.56 -5.13
C LEU B 86 5.02 -17.71 -6.09
N THR B 87 6.15 -18.27 -6.53
CA THR B 87 7.10 -17.55 -7.39
C THR B 87 7.83 -18.56 -8.28
N ARG B 88 8.48 -18.06 -9.32
CA ARG B 88 9.25 -18.90 -10.23
C ARG B 88 10.74 -18.63 -9.96
N ASN B 89 10.99 -17.71 -9.03
CA ASN B 89 12.37 -17.34 -8.66
C ASN B 89 12.94 -18.40 -7.71
N PRO B 90 13.91 -19.20 -8.19
CA PRO B 90 14.54 -20.25 -7.38
C PRO B 90 15.40 -19.74 -6.23
N GLU B 91 15.82 -18.48 -6.30
CA GLU B 91 16.65 -17.89 -5.26
C GLU B 91 15.83 -17.03 -4.33
N GLU B 92 14.53 -16.98 -4.58
CA GLU B 92 13.68 -16.18 -3.73
C GLU B 92 13.61 -16.81 -2.34
N LYS B 93 13.99 -16.04 -1.31
CA LYS B 93 13.91 -16.59 0.02
C LYS B 93 13.64 -15.55 1.10
N ILE B 94 12.38 -15.48 1.55
CA ILE B 94 11.97 -14.53 2.58
C ILE B 94 11.81 -15.28 3.90
N ASP B 95 12.36 -14.72 4.96
CA ASP B 95 12.24 -15.40 6.24
C ASP B 95 10.83 -15.15 6.78
N GLY B 96 10.25 -16.15 7.42
CA GLY B 96 8.90 -16.00 7.94
C GLY B 96 7.86 -16.55 6.99
N VAL B 97 8.27 -16.92 5.78
CA VAL B 97 7.32 -17.47 4.81
C VAL B 97 7.89 -18.69 4.09
N ALA B 98 6.99 -19.52 3.56
CA ALA B 98 7.38 -20.70 2.80
C ALA B 98 7.24 -20.37 1.31
N THR B 99 8.24 -20.70 0.52
CA THR B 99 8.19 -20.41 -0.92
C THR B 99 7.79 -21.66 -1.71
N PHE B 100 7.00 -21.44 -2.77
CA PHE B 100 6.53 -22.50 -3.65
C PHE B 100 6.79 -22.05 -5.07
N HIS B 101 7.17 -22.99 -5.92
CA HIS B 101 7.48 -22.65 -7.31
C HIS B 101 6.54 -23.18 -8.38
N ASP B 102 5.52 -23.92 -7.95
CA ASP B 102 4.49 -24.33 -8.90
C ASP B 102 3.23 -24.71 -8.16
N VAL B 103 2.16 -24.91 -8.89
CA VAL B 103 0.87 -25.25 -8.28
C VAL B 103 0.86 -26.64 -7.64
N GLN B 104 1.41 -27.64 -8.33
CA GLN B 104 1.46 -29.02 -7.83
C GLN B 104 2.10 -29.02 -6.46
N SER B 105 3.17 -28.26 -6.31
CA SER B 105 3.86 -28.20 -5.03
C SER B 105 2.96 -27.75 -3.88
N VAL B 106 2.11 -26.77 -4.17
CA VAL B 106 1.18 -26.23 -3.19
C VAL B 106 0.08 -27.23 -2.88
N LEU B 107 -0.37 -27.93 -3.91
CA LEU B 107 -1.42 -28.91 -3.70
C LEU B 107 -0.95 -30.08 -2.85
N ASP B 108 0.33 -30.43 -3.00
CA ASP B 108 0.91 -31.53 -2.24
C ASP B 108 0.99 -31.08 -0.78
N TRP B 109 1.45 -29.85 -0.58
CA TRP B 109 1.57 -29.25 0.74
C TRP B 109 0.19 -29.28 1.40
N TYR B 110 -0.81 -28.78 0.67
CA TYR B 110 -2.18 -28.75 1.16
C TYR B 110 -2.71 -30.11 1.61
N SER B 111 -2.46 -31.13 0.81
CA SER B 111 -2.94 -32.46 1.14
C SER B 111 -2.24 -33.08 2.34
N ALA B 112 -1.04 -32.62 2.62
CA ALA B 112 -0.22 -33.13 3.74
C ALA B 112 -0.52 -32.41 5.06
N GLN B 113 -1.56 -31.58 5.08
CA GLN B 113 -1.88 -30.87 6.31
C GLN B 113 -3.40 -30.77 6.48
N GLU B 114 -3.85 -30.11 7.55
CA GLU B 114 -5.28 -30.03 7.79
C GLU B 114 -5.92 -28.63 7.64
N LYS B 115 -5.15 -27.58 7.90
CA LYS B 115 -5.68 -26.24 7.80
C LYS B 115 -6.36 -25.96 6.45
N ASN B 116 -7.29 -25.01 6.44
CA ASN B 116 -7.95 -24.61 5.21
C ASN B 116 -6.89 -23.75 4.53
N LEU B 117 -6.91 -23.69 3.19
CA LEU B 117 -5.94 -22.88 2.45
C LEU B 117 -6.69 -21.81 1.68
N TYR B 118 -6.35 -20.56 1.93
CA TYR B 118 -6.98 -19.41 1.27
C TYR B 118 -6.10 -18.83 0.17
N ILE B 119 -6.62 -18.79 -1.04
CA ILE B 119 -5.91 -18.22 -2.19
C ILE B 119 -6.26 -16.75 -2.01
N VAL B 120 -5.27 -15.95 -1.73
CA VAL B 120 -5.47 -14.56 -1.38
C VAL B 120 -5.21 -13.55 -2.46
N GLY B 121 -4.62 -13.94 -3.57
CA GLY B 121 -4.47 -12.84 -4.48
C GLY B 121 -3.40 -12.78 -5.50
N GLY B 122 -3.63 -11.80 -6.37
CA GLY B 122 -2.83 -11.58 -7.52
C GLY B 122 -3.72 -12.28 -8.54
N LYS B 123 -4.05 -11.61 -9.62
CA LYS B 123 -4.86 -12.19 -10.67
C LYS B 123 -4.32 -13.55 -11.16
N GLN B 124 -3.01 -13.64 -11.35
CA GLN B 124 -2.34 -14.86 -11.88
C GLN B 124 -2.53 -16.04 -10.91
N ILE B 125 -2.46 -15.74 -9.63
CA ILE B 125 -2.66 -16.76 -8.62
C ILE B 125 -4.10 -17.21 -8.67
N PHE B 126 -5.05 -16.28 -8.72
CA PHE B 126 -6.47 -16.67 -8.80
C PHE B 126 -6.68 -17.57 -10.04
N GLN B 127 -6.07 -17.21 -11.16
CA GLN B 127 -6.25 -18.02 -12.39
C GLN B 127 -5.68 -19.41 -12.23
N ALA B 128 -4.49 -19.49 -11.65
CA ALA B 128 -3.80 -20.78 -11.48
C ALA B 128 -4.53 -21.73 -10.54
N PHE B 129 -5.26 -21.22 -9.54
CA PHE B 129 -5.93 -22.13 -8.63
C PHE B 129 -7.43 -22.37 -8.87
N GLU B 130 -7.99 -21.73 -9.88
CA GLU B 130 -9.41 -21.87 -10.17
C GLU B 130 -9.95 -23.32 -10.20
N PRO B 131 -9.22 -24.24 -10.84
CA PRO B 131 -9.69 -25.63 -10.90
C PRO B 131 -9.78 -26.34 -9.57
N TYR B 132 -9.05 -25.86 -8.56
CA TYR B 132 -9.04 -26.54 -7.27
C TYR B 132 -9.82 -25.86 -6.15
N LEU B 133 -10.61 -24.85 -6.50
CA LEU B 133 -11.39 -24.10 -5.51
C LEU B 133 -12.68 -24.77 -5.00
N ASP B 134 -12.81 -24.88 -3.67
CA ASP B 134 -14.00 -25.47 -3.04
C ASP B 134 -15.05 -24.38 -2.81
N GLU B 135 -14.57 -23.16 -2.65
CA GLU B 135 -15.43 -22.03 -2.34
C GLU B 135 -14.78 -20.69 -2.63
N VAL B 136 -15.59 -19.63 -2.70
CA VAL B 136 -15.05 -18.29 -2.93
C VAL B 136 -15.77 -17.35 -1.95
N ILE B 137 -15.02 -16.38 -1.42
CA ILE B 137 -15.59 -15.39 -0.51
C ILE B 137 -15.24 -14.09 -1.22
N VAL B 138 -16.23 -13.47 -1.84
CA VAL B 138 -16.01 -12.26 -2.64
C VAL B 138 -16.65 -11.02 -2.06
N THR B 139 -15.85 -9.96 -1.98
CA THR B 139 -16.36 -8.70 -1.49
C THR B 139 -16.62 -7.81 -2.72
N HIS B 140 -17.87 -7.38 -2.85
CA HIS B 140 -18.29 -6.51 -3.95
C HIS B 140 -18.34 -5.09 -3.40
N ILE B 141 -17.36 -4.27 -3.81
CA ILE B 141 -17.27 -2.90 -3.35
C ILE B 141 -18.17 -2.08 -4.26
N HIS B 142 -19.09 -1.36 -3.63
CA HIS B 142 -20.04 -0.55 -4.38
C HIS B 142 -19.44 0.79 -4.76
N ALA B 143 -18.48 0.73 -5.68
CA ALA B 143 -17.86 1.93 -6.19
C ALA B 143 -17.19 1.61 -7.51
N ARG B 144 -16.76 2.65 -8.22
CA ARG B 144 -16.03 2.45 -9.46
C ARG B 144 -14.73 3.23 -9.38
N VAL B 145 -13.62 2.51 -9.39
CA VAL B 145 -12.29 3.12 -9.32
C VAL B 145 -11.47 2.77 -10.56
N GLU B 146 -10.29 3.39 -10.69
CA GLU B 146 -9.44 3.13 -11.84
C GLU B 146 -8.42 2.06 -11.43
N GLY B 147 -8.30 1.02 -12.23
CA GLY B 147 -7.35 -0.04 -11.92
C GLY B 147 -6.71 -0.60 -13.18
N ASP B 148 -5.56 -1.24 -13.04
CA ASP B 148 -4.89 -1.84 -14.19
C ASP B 148 -4.97 -3.36 -14.14
N THR B 149 -5.54 -3.90 -13.07
CA THR B 149 -5.66 -5.36 -12.93
C THR B 149 -7.05 -5.70 -12.45
N TYR B 150 -7.71 -6.62 -13.17
CA TYR B 150 -9.06 -7.05 -12.87
C TYR B 150 -9.13 -8.54 -12.49
N PHE B 151 -10.19 -8.93 -11.77
CA PHE B 151 -10.39 -10.34 -11.43
C PHE B 151 -10.50 -11.03 -12.82
N PRO B 152 -9.98 -12.27 -12.96
CA PRO B 152 -10.02 -13.00 -14.25
C PRO B 152 -11.42 -13.06 -14.84
N ALA B 153 -11.62 -12.35 -15.95
CA ALA B 153 -12.93 -12.32 -16.59
C ALA B 153 -13.38 -13.71 -17.06
N GLU B 154 -12.44 -14.59 -17.38
CA GLU B 154 -12.77 -15.95 -17.82
C GLU B 154 -13.09 -16.90 -16.67
N PHE B 155 -12.94 -16.42 -15.44
CA PHE B 155 -13.22 -17.25 -14.27
C PHE B 155 -14.71 -17.55 -14.22
N ASP B 156 -15.04 -18.84 -14.20
CA ASP B 156 -16.44 -19.27 -14.22
C ASP B 156 -17.08 -19.30 -12.84
N LEU B 157 -17.68 -18.18 -12.48
CA LEU B 157 -18.36 -18.03 -11.19
C LEU B 157 -19.69 -18.77 -11.15
N SER B 158 -20.18 -19.27 -12.28
CA SER B 158 -21.47 -19.97 -12.32
C SER B 158 -21.45 -21.31 -11.61
N LEU B 159 -20.27 -21.91 -11.48
CA LEU B 159 -20.16 -23.19 -10.80
C LEU B 159 -20.33 -23.02 -9.29
N PHE B 160 -20.51 -21.78 -8.84
CA PHE B 160 -20.64 -21.51 -7.42
C PHE B 160 -22.02 -21.00 -7.07
N GLU B 161 -22.41 -21.18 -5.81
CA GLU B 161 -23.71 -20.75 -5.34
C GLU B 161 -23.57 -19.96 -4.04
N THR B 162 -24.27 -18.84 -3.94
CA THR B 162 -24.22 -18.02 -2.75
C THR B 162 -24.86 -18.75 -1.55
N VAL B 163 -24.09 -18.93 -0.49
CA VAL B 163 -24.57 -19.61 0.71
C VAL B 163 -24.95 -18.58 1.79
N SER B 164 -24.29 -17.43 1.76
CA SER B 164 -24.56 -16.36 2.71
C SER B 164 -23.87 -15.05 2.29
N SER B 165 -24.34 -13.94 2.84
CA SER B 165 -23.75 -12.63 2.53
C SER B 165 -24.13 -11.60 3.58
N LYS B 166 -23.44 -10.45 3.54
CA LYS B 166 -23.72 -9.39 4.48
C LYS B 166 -23.37 -8.05 3.89
N PHE B 167 -24.23 -7.07 4.15
CA PHE B 167 -24.00 -5.70 3.66
C PHE B 167 -23.34 -4.88 4.74
N TYR B 168 -22.28 -4.15 4.36
CA TYR B 168 -21.53 -3.30 5.29
C TYR B 168 -21.72 -1.85 4.85
N THR B 169 -22.40 -1.06 5.67
CA THR B 169 -22.66 0.35 5.38
C THR B 169 -21.39 1.20 5.53
N LYS B 170 -21.12 2.06 4.54
CA LYS B 170 -19.94 2.94 4.57
C LYS B 170 -19.99 3.87 5.77
N ASP B 171 -18.84 4.43 6.12
CA ASP B 171 -18.75 5.38 7.21
C ASP B 171 -17.48 6.20 7.01
N GLU B 172 -17.08 6.96 8.03
CA GLU B 172 -15.91 7.83 7.95
C GLU B 172 -14.67 7.09 7.48
N LYS B 173 -14.35 6.00 8.14
CA LYS B 173 -13.17 5.20 7.83
C LYS B 173 -13.28 4.23 6.66
N ASN B 174 -14.50 3.97 6.19
CA ASN B 174 -14.76 3.02 5.08
C ASN B 174 -15.75 3.70 4.15
N PRO B 175 -15.23 4.62 3.35
CA PRO B 175 -15.93 5.45 2.39
C PRO B 175 -16.81 4.81 1.31
N TYR B 176 -16.72 3.50 1.12
CA TYR B 176 -17.54 2.80 0.13
C TYR B 176 -18.34 1.68 0.80
N ASP B 177 -19.60 1.53 0.44
CA ASP B 177 -20.39 0.43 0.96
C ASP B 177 -19.78 -0.81 0.30
N PHE B 178 -19.95 -1.98 0.91
CA PHE B 178 -19.49 -3.21 0.26
C PHE B 178 -20.28 -4.38 0.80
N THR B 179 -20.35 -5.43 -0.01
CA THR B 179 -21.05 -6.65 0.38
C THR B 179 -20.08 -7.82 0.28
N ILE B 180 -20.19 -8.75 1.21
CA ILE B 180 -19.37 -9.95 1.20
C ILE B 180 -20.24 -11.19 0.99
N GLN B 181 -19.95 -11.95 -0.06
CA GLN B 181 -20.69 -13.17 -0.40
C GLN B 181 -19.83 -14.43 -0.24
N TYR B 182 -20.39 -15.46 0.40
CA TYR B 182 -19.73 -16.75 0.58
C TYR B 182 -20.46 -17.66 -0.38
N ARG B 183 -19.71 -18.23 -1.33
CA ARG B 183 -20.29 -19.08 -2.36
C ARG B 183 -19.56 -20.42 -2.45
N LYS B 184 -20.31 -21.50 -2.33
CA LYS B 184 -19.74 -22.83 -2.40
C LYS B 184 -19.92 -23.43 -3.79
N ARG B 185 -19.05 -24.38 -4.13
CA ARG B 185 -19.11 -25.01 -5.43
C ARG B 185 -20.34 -25.88 -5.56
N LYS B 186 -21.18 -25.57 -6.54
CA LYS B 186 -22.39 -26.35 -6.79
C LYS B 186 -22.03 -27.82 -7.02
N GLU B 187 -22.80 -28.73 -6.40
CA GLU B 187 -22.59 -30.17 -6.55
C GLU B 187 -22.67 -30.61 -8.00
PA NDP C . 10.90 5.95 8.06
O1A NDP C . 11.13 7.30 8.63
O2A NDP C . 10.33 5.85 6.70
O5B NDP C . 12.28 5.12 8.09
C5B NDP C . 13.07 4.97 9.26
C4B NDP C . 14.39 4.29 8.92
O4B NDP C . 15.27 5.19 8.22
C3B NDP C . 15.19 3.88 10.15
O3B NDP C . 14.66 2.65 10.65
C2B NDP C . 16.55 3.65 9.51
O2B NDP C . 16.57 2.52 8.63
C1B NDP C . 16.61 4.90 8.63
N9A NDP C . 17.07 6.03 9.46
C8A NDP C . 16.32 6.80 10.26
N7A NDP C . 17.09 7.76 10.79
C5A NDP C . 18.33 7.59 10.32
C6A NDP C . 19.54 8.27 10.48
N6A NDP C . 19.60 9.36 11.25
N1A NDP C . 20.62 7.83 9.83
C2A NDP C . 20.56 6.77 9.03
N3A NDP C . 19.44 6.10 8.84
C4A NDP C . 18.32 6.48 9.47
O3 NDP C . 9.97 5.03 9.01
PN NDP C . 8.93 5.52 10.14
O1N NDP C . 8.50 4.30 10.88
O2N NDP C . 9.44 6.66 10.93
O5D NDP C . 7.67 6.02 9.29
C5D NDP C . 6.99 5.07 8.46
C4D NDP C . 5.49 5.37 8.42
O4D NDP C . 5.36 6.65 7.79
C3D NDP C . 4.76 4.35 7.54
O3D NDP C . 3.44 4.11 8.05
C2D NDP C . 4.72 5.05 6.19
O2D NDP C . 3.55 4.70 5.45
C1D NDP C . 4.46 6.48 6.68
N1N NDP C . 4.61 7.53 5.65
C2N NDP C . 3.63 8.51 5.50
C3N NDP C . 3.75 9.49 4.53
C7N NDP C . 2.63 10.51 4.34
O7N NDP C . 2.80 11.55 3.71
N7N NDP C . 1.49 10.19 4.96
C4N NDP C . 4.88 9.49 3.70
C5N NDP C . 5.85 8.52 3.85
C6N NDP C . 5.74 7.53 4.81
P2B NDP C . 17.25 1.12 9.03
O1X NDP C . 17.38 0.24 7.85
O2X NDP C . 18.68 1.40 9.73
O3X NDP C . 16.29 0.51 10.17
N1 MTX D . 1.62 12.10 -0.40
C2 MTX D . 2.22 13.26 -0.09
NA2 MTX D . 1.58 14.41 -0.35
N3 MTX D . 3.47 13.29 0.38
C4 MTX D . 4.17 12.17 0.54
NA4 MTX D . 5.43 12.20 0.96
C4A MTX D . 3.59 10.95 0.22
N5 MTX D . 4.27 9.80 0.36
C6 MTX D . 3.68 8.64 0.02
C7 MTX D . 2.37 8.64 -0.44
N8 MTX D . 1.70 9.77 -0.57
C8A MTX D . 2.28 10.94 -0.25
C9 MTX D . 4.47 7.49 -0.06
N10 MTX D . 3.95 6.40 -0.59
CM MTX D . 3.58 5.39 0.17
C11 MTX D . 3.38 6.28 -4.68
C12 MTX D . 3.00 5.20 -3.88
C13 MTX D . 3.22 5.22 -2.52
C14 MTX D . 3.83 6.33 -1.93
C15 MTX D . 4.23 7.40 -2.72
C16 MTX D . 4.00 7.38 -4.10
C MTX D . 3.13 6.27 -6.18
O MTX D . 2.66 5.28 -6.74
N MTX D . 3.43 7.41 -6.80
CA MTX D . 3.31 7.58 -8.26
CT MTX D . 4.46 8.49 -8.69
O1 MTX D . 4.81 9.36 -7.87
O2 MTX D . 5.01 8.26 -9.80
CB MTX D . 1.97 8.17 -8.69
CG MTX D . 0.86 7.12 -8.62
CD MTX D . -0.51 7.67 -9.04
OE1 MTX D . -0.54 8.77 -9.64
OE2 MTX D . -1.50 6.97 -8.76
PA NDP E . 0.22 -11.98 -8.51
O1A NDP E . -0.75 -12.95 -9.07
O2A NDP E . -0.01 -11.53 -7.11
O5B NDP E . 1.68 -12.62 -8.59
C5B NDP E . 2.29 -12.99 -9.83
C4B NDP E . 3.58 -13.76 -9.58
O4B NDP E . 3.29 -15.02 -8.97
C3B NDP E . 4.31 -14.13 -10.88
O3B NDP E . 5.03 -12.98 -11.33
C2B NDP E . 5.27 -15.15 -10.27
O2B NDP E . 6.20 -14.56 -9.36
C1B NDP E . 4.29 -15.96 -9.43
N9A NDP E . 3.62 -16.98 -10.26
C8A NDP E . 2.52 -16.82 -11.00
N7A NDP E . 2.16 -18.00 -11.51
C5A NDP E . 3.05 -18.90 -11.10
C6A NDP E . 3.20 -20.28 -11.25
N6A NDP E . 2.29 -20.98 -11.93
N1A NDP E . 4.22 -20.90 -10.65
C2A NDP E . 5.10 -20.23 -9.92
N3A NDP E . 4.99 -18.92 -9.74
C4A NDP E . 3.98 -18.25 -10.31
O3 NDP E . 0.39 -10.70 -9.46
PN NDP E . -0.71 -10.05 -10.43
O1N NDP E . -0.03 -8.95 -11.17
O2N NDP E . -1.47 -11.04 -11.22
O5D NDP E . -1.75 -9.38 -9.40
C5D NDP E . -1.28 -8.41 -8.47
C4D NDP E . -2.26 -7.24 -8.39
O4D NDP E . -3.48 -7.72 -7.81
C3D NDP E . -1.73 -6.15 -7.44
O3D NDP E . -2.28 -4.88 -7.79
C2D NDP E . -2.28 -6.66 -6.11
O2D NDP E . -2.41 -5.59 -5.16
C1D NDP E . -3.69 -7.03 -6.57
N1N NDP E . -4.46 -7.85 -5.62
C2N NDP E . -5.79 -7.54 -5.31
C3N NDP E . -6.49 -8.31 -4.39
C7N NDP E . -7.95 -7.99 -4.09
O7N NDP E . -8.63 -8.76 -3.42
N7N NDP E . -8.41 -6.86 -4.62
C4N NDP E . -5.88 -9.37 -3.75
C5N NDP E . -4.55 -9.69 -4.05
C6N NDP E . -3.84 -8.94 -4.98
P2B NDP E . 7.71 -14.24 -9.79
O1X NDP E . 8.53 -13.87 -8.61
O2X NDP E . 8.31 -15.50 -10.57
O3X NDP E . 7.57 -13.05 -10.86
N1 MTX F . -9.60 -8.41 0.74
C2 MTX F . -10.21 -9.55 0.37
NA2 MTX F . -11.50 -9.73 0.61
N3 MTX F . -9.52 -10.56 -0.20
C4 MTX F . -8.20 -10.44 -0.41
NA4 MTX F . -7.52 -11.40 -1.05
C4A MTX F . -7.54 -9.28 -0.03
N5 MTX F . -6.24 -9.15 -0.22
C6 MTX F . -5.61 -8.02 0.14
C7 MTX F . -6.36 -6.98 0.69
N8 MTX F . -7.66 -7.11 0.88
C8A MTX F . -8.29 -8.24 0.54
C9 MTX F . -4.22 -8.00 0.13
N10 MTX F . -3.58 -6.98 0.68
CM MTX F . -2.94 -6.11 -0.08
C11 MTX F . -3.68 -6.56 4.78
C12 MTX F . -3.01 -5.63 4.00
C13 MTX F . -2.95 -5.78 2.62
C14 MTX F . -3.58 -6.86 2.00
C15 MTX F . -4.24 -7.80 2.80
C16 MTX F . -4.31 -7.66 4.18
C MTX F . -3.75 -6.38 6.29
O MTX F . -3.11 -5.48 6.83
N MTX F . -4.58 -7.21 6.92
CA MTX F . -4.73 -7.23 8.39
CT MTX F . -4.67 -8.70 8.80
O1 MTX F . -5.07 -9.54 7.96
O2 MTX F . -4.21 -8.97 9.93
CB MTX F . -6.08 -6.68 8.87
CG MTX F . -6.20 -5.15 8.84
CD MTX F . -7.44 -4.69 9.61
OE1 MTX F . -7.84 -5.42 10.55
OE2 MTX F . -7.97 -3.61 9.26
#